data_3NI7
#
_entry.id   3NI7
#
_cell.length_a   64.222
_cell.length_b   75.378
_cell.length_c   98.079
_cell.angle_alpha   90.00
_cell.angle_beta   90.00
_cell.angle_gamma   90.00
#
_symmetry.space_group_name_H-M   'P 21 21 21'
#
_entity_poly.entity_id   1
_entity_poly.type   'polypeptide(L)'
_entity_poly.pdbx_seq_one_letter_code
;(MSE)TINNDP(MSE)RDAIVDTAVELAAHTSWEAVRLYDIAARLAVSLDEIRLYFREKDELIDAWFDRADSR(MSE)LK
EAESAGFLDLVASERIHHLI(MSE)IWLDALAVQRKVTRQ(MSE)I(MSE)SKLEFGHIHIQIPAV(MSE)RVSRTVQWV
REAAQRDATF(MSE)RRALEESTLTTIYL(MSE)TFFFW(MSE)RDESENSRHTRQFLKRHLT(MSE)AAWLGQKVYGKD
PEKSTVPHKQQIPLQFD
;
_entity_poly.pdbx_strand_id   A,B
#
# COMPACT_ATOMS: atom_id res chain seq x y z
N ASP A 6 -29.14 15.47 -6.60
CA ASP A 6 -28.07 14.83 -7.43
C ASP A 6 -28.47 13.55 -8.21
N PRO A 7 -29.80 13.31 -8.42
CA PRO A 7 -30.21 12.02 -8.99
C PRO A 7 -29.65 11.69 -10.36
N ARG A 9 -26.66 12.89 -11.59
CA ARG A 9 -25.25 12.55 -11.44
C ARG A 9 -25.11 11.08 -11.01
N ASP A 10 -25.91 10.70 -10.03
CA ASP A 10 -25.84 9.37 -9.44
C ASP A 10 -26.21 8.25 -10.43
N ALA A 11 -27.23 8.53 -11.25
CA ALA A 11 -27.68 7.61 -12.28
C ALA A 11 -26.57 7.36 -13.31
N ILE A 12 -25.78 8.38 -13.56
CA ILE A 12 -24.61 8.23 -14.43
C ILE A 12 -23.67 7.24 -13.78
N VAL A 13 -23.27 7.52 -12.55
CA VAL A 13 -22.31 6.65 -11.89
C VAL A 13 -22.82 5.22 -11.87
N ASP A 14 -24.05 5.03 -11.40
CA ASP A 14 -24.63 3.69 -11.39
C ASP A 14 -24.47 3.07 -12.74
N THR A 15 -24.80 3.83 -13.76
CA THR A 15 -24.83 3.31 -15.11
C THR A 15 -23.44 2.90 -15.52
N ALA A 16 -22.52 3.81 -15.28
CA ALA A 16 -21.11 3.61 -15.60
C ALA A 16 -20.64 2.30 -14.99
N VAL A 17 -21.10 2.09 -13.77
CA VAL A 17 -20.56 1.04 -12.96
C VAL A 17 -21.15 -0.33 -13.38
N GLU A 18 -22.46 -0.38 -13.55
CA GLU A 18 -23.09 -1.53 -14.19
C GLU A 18 -22.44 -1.89 -15.53
N LEU A 19 -22.32 -0.93 -16.44
CA LEU A 19 -21.68 -1.23 -17.74
C LEU A 19 -20.35 -1.93 -17.57
N ALA A 20 -19.55 -1.41 -16.65
CA ALA A 20 -18.21 -1.97 -16.37
C ALA A 20 -18.33 -3.44 -15.95
N ALA A 21 -19.26 -3.68 -15.06
CA ALA A 21 -19.49 -5.01 -14.60
C ALA A 21 -19.62 -5.96 -15.78
N HIS A 22 -20.58 -5.71 -16.66
CA HIS A 22 -20.88 -6.65 -17.75
C HIS A 22 -19.71 -6.79 -18.71
N THR A 23 -18.94 -5.72 -18.84
CA THR A 23 -17.82 -5.75 -19.77
C THR A 23 -16.48 -5.64 -19.09
N SER A 24 -15.99 -4.42 -18.91
CA SER A 24 -14.93 -4.10 -18.00
C SER A 24 -14.98 -2.59 -17.83
N TRP A 25 -14.13 -2.07 -16.96
CA TRP A 25 -13.96 -0.64 -16.76
C TRP A 25 -13.31 -0.04 -18.00
N GLU A 26 -12.13 -0.55 -18.35
CA GLU A 26 -11.41 -0.10 -19.56
C GLU A 26 -12.34 0.08 -20.76
N ALA A 27 -13.23 -0.87 -20.97
CA ALA A 27 -14.20 -0.82 -22.06
C ALA A 27 -15.24 0.32 -21.96
N VAL A 28 -15.34 0.95 -20.79
CA VAL A 28 -16.42 1.88 -20.57
C VAL A 28 -16.16 3.24 -21.24
N ARG A 29 -17.06 3.64 -22.13
CA ARG A 29 -17.07 4.98 -22.75
C ARG A 29 -18.29 5.78 -22.33
N LEU A 30 -18.15 7.11 -22.36
CA LEU A 30 -19.22 8.02 -21.99
C LEU A 30 -20.42 7.88 -22.92
N TYR A 31 -20.15 7.74 -24.21
CA TYR A 31 -21.23 7.62 -25.19
C TYR A 31 -22.10 6.44 -24.85
N ASP A 32 -21.48 5.35 -24.43
CA ASP A 32 -22.20 4.15 -24.05
C ASP A 32 -23.10 4.43 -22.85
N ILE A 33 -22.59 5.21 -21.90
CA ILE A 33 -23.36 5.56 -20.71
C ILE A 33 -24.59 6.30 -21.17
N ALA A 34 -24.33 7.23 -22.09
CA ALA A 34 -25.36 8.06 -22.76
C ALA A 34 -26.39 7.12 -23.37
N ALA A 35 -25.87 6.14 -24.09
CA ALA A 35 -26.70 5.24 -24.88
C ALA A 35 -27.53 4.49 -23.85
N ARG A 36 -26.90 3.95 -22.83
CA ARG A 36 -27.58 3.21 -21.82
C ARG A 36 -28.64 4.00 -21.13
N LEU A 37 -28.42 5.26 -20.90
CA LEU A 37 -29.42 6.02 -20.19
C LEU A 37 -30.44 6.63 -21.08
N ALA A 38 -30.30 6.39 -22.40
CA ALA A 38 -31.13 7.01 -23.44
C ALA A 38 -31.05 8.54 -23.35
N VAL A 39 -29.84 9.09 -23.17
CA VAL A 39 -29.61 10.55 -23.30
C VAL A 39 -28.41 10.84 -24.19
N SER A 40 -28.21 12.13 -24.51
CA SER A 40 -27.13 12.56 -25.42
C SER A 40 -25.81 12.71 -24.70
N LEU A 41 -24.72 12.37 -25.38
CA LEU A 41 -23.39 12.56 -24.84
C LEU A 41 -23.19 14.00 -24.34
N ASP A 42 -23.83 14.95 -24.99
CA ASP A 42 -23.74 16.34 -24.52
C ASP A 42 -24.31 16.45 -23.10
N GLU A 43 -25.30 15.63 -22.79
CA GLU A 43 -25.91 15.67 -21.48
C GLU A 43 -24.98 15.07 -20.44
N ILE A 44 -24.37 13.97 -20.78
CA ILE A 44 -23.43 13.34 -19.85
C ILE A 44 -22.26 14.25 -19.51
N ARG A 45 -21.75 14.96 -20.51
CA ARG A 45 -20.55 15.69 -20.32
C ARG A 45 -20.79 16.95 -19.49
N LEU A 46 -22.04 17.36 -19.31
CA LEU A 46 -22.32 18.41 -18.33
C LEU A 46 -21.76 17.97 -16.97
N TYR A 47 -22.01 16.71 -16.61
CA TYR A 47 -21.63 16.16 -15.33
C TYR A 47 -20.23 15.63 -15.34
N PHE A 48 -19.88 14.85 -16.33
CA PHE A 48 -18.55 14.24 -16.39
C PHE A 48 -17.91 14.49 -17.75
N ARG A 49 -16.79 15.20 -17.76
CA ARG A 49 -16.06 15.44 -18.99
C ARG A 49 -15.00 14.36 -19.27
N GLU A 50 -14.66 13.55 -18.25
CA GLU A 50 -13.61 12.51 -18.32
C GLU A 50 -13.98 11.28 -17.53
N LYS A 51 -13.39 10.15 -17.90
CA LYS A 51 -13.66 8.87 -17.24
C LYS A 51 -13.14 8.88 -15.77
N ASP A 52 -11.96 9.44 -15.56
CA ASP A 52 -11.47 9.63 -14.18
C ASP A 52 -12.54 10.28 -13.34
N GLU A 53 -13.14 11.36 -13.78
CA GLU A 53 -14.05 12.13 -12.93
C GLU A 53 -15.04 11.19 -12.27
N LEU A 54 -15.35 10.07 -12.93
CA LEU A 54 -16.29 9.06 -12.40
C LEU A 54 -15.72 8.24 -11.20
N ILE A 55 -14.46 7.92 -11.30
CA ILE A 55 -13.76 7.26 -10.23
C ILE A 55 -13.91 8.13 -8.98
N ASP A 56 -13.59 9.41 -9.14
CA ASP A 56 -13.83 10.35 -8.07
C ASP A 56 -15.21 10.19 -7.45
N ALA A 57 -16.26 10.34 -8.28
CA ALA A 57 -17.64 10.22 -7.77
C ALA A 57 -17.91 8.88 -7.02
N TRP A 58 -17.28 7.81 -7.49
CA TRP A 58 -17.46 6.52 -6.89
C TRP A 58 -16.89 6.50 -5.45
N PHE A 59 -15.67 7.00 -5.33
CA PHE A 59 -15.02 7.07 -4.04
C PHE A 59 -15.66 8.14 -3.15
N ASP A 60 -16.24 9.17 -3.72
CA ASP A 60 -16.97 10.10 -2.87
C ASP A 60 -18.24 9.48 -2.37
N ARG A 61 -18.80 8.57 -3.14
CA ARG A 61 -20.02 7.97 -2.69
C ARG A 61 -19.75 7.18 -1.40
N ALA A 62 -18.66 6.41 -1.40
CA ALA A 62 -18.21 5.69 -0.18
C ALA A 62 -17.99 6.67 0.99
N ASP A 63 -17.21 7.71 0.74
CA ASP A 63 -16.88 8.63 1.81
C ASP A 63 -18.16 9.16 2.44
N SER A 64 -19.22 9.34 1.65
CA SER A 64 -20.42 9.92 2.22
C SER A 64 -21.21 8.88 3.02
N ARG A 65 -21.15 7.61 2.65
CA ARG A 65 -21.74 6.55 3.50
C ARG A 65 -21.07 6.58 4.86
N LEU A 67 -19.64 9.09 6.11
CA LEU A 67 -20.01 10.31 6.83
C LEU A 67 -21.35 10.18 7.53
N LYS A 68 -22.33 9.58 6.85
CA LYS A 68 -23.69 9.40 7.41
C LYS A 68 -23.57 8.54 8.65
N GLU A 69 -22.75 7.52 8.57
CA GLU A 69 -22.47 6.71 9.73
C GLU A 69 -21.87 7.54 10.85
N ALA A 70 -20.85 8.34 10.52
CA ALA A 70 -20.08 9.06 11.54
C ALA A 70 -20.87 10.04 12.37
N GLU A 71 -22.13 10.26 12.03
CA GLU A 71 -23.00 11.19 12.76
C GLU A 71 -24.30 10.56 13.26
N SER A 72 -24.44 9.25 13.07
CA SER A 72 -25.58 8.52 13.62
C SER A 72 -25.41 8.41 15.14
N ALA A 73 -26.52 8.49 15.87
CA ALA A 73 -26.49 8.40 17.33
C ALA A 73 -25.83 7.08 17.76
N GLY A 74 -26.05 6.03 16.98
CA GLY A 74 -25.51 4.71 17.28
C GLY A 74 -23.99 4.70 17.29
N PHE A 75 -23.43 5.54 16.43
CA PHE A 75 -21.98 5.59 16.25
C PHE A 75 -21.32 6.12 17.52
N LEU A 76 -21.87 7.19 18.07
CA LEU A 76 -21.30 7.76 19.30
C LEU A 76 -21.35 6.77 20.48
N ASP A 77 -22.06 5.65 20.34
CA ASP A 77 -22.05 4.60 21.37
C ASP A 77 -20.82 3.68 21.32
N LEU A 78 -20.32 3.36 20.13
CA LEU A 78 -19.16 2.47 19.96
C LEU A 78 -17.85 2.95 20.63
N VAL A 79 -16.90 2.04 20.78
CA VAL A 79 -15.56 2.36 21.31
C VAL A 79 -14.58 2.86 20.26
N ALA A 80 -13.55 3.58 20.67
CA ALA A 80 -12.55 4.11 19.73
C ALA A 80 -12.07 3.09 18.67
N SER A 81 -11.73 1.90 19.15
CA SER A 81 -11.33 0.77 18.30
C SER A 81 -12.44 0.35 17.28
N GLU A 82 -13.56 -0.12 17.84
CA GLU A 82 -14.73 -0.45 17.02
C GLU A 82 -15.04 0.69 16.03
N ARG A 83 -14.85 1.93 16.44
CA ARG A 83 -15.22 3.11 15.58
C ARG A 83 -14.50 3.17 14.24
N ILE A 84 -13.18 3.14 14.27
CA ILE A 84 -12.40 3.06 13.07
C ILE A 84 -12.72 1.84 12.26
N HIS A 85 -12.88 0.67 12.87
CA HIS A 85 -13.22 -0.56 12.12
C HIS A 85 -14.59 -0.41 11.45
N HIS A 86 -15.50 0.26 12.12
CA HIS A 86 -16.81 0.38 11.60
C HIS A 86 -16.82 1.27 10.35
N LEU A 87 -16.17 2.43 10.43
CA LEU A 87 -16.14 3.35 9.30
C LEU A 87 -15.44 2.71 8.12
N ILE A 88 -14.35 2.00 8.34
CA ILE A 88 -13.61 1.50 7.19
C ILE A 88 -14.48 0.48 6.50
N ILE A 90 -17.85 0.35 6.44
CA ILE A 90 -18.87 1.06 5.65
C ILE A 90 -18.28 1.50 4.32
N TRP A 91 -17.10 2.03 4.37
CA TRP A 91 -16.46 2.48 3.15
C TRP A 91 -16.30 1.30 2.20
N LEU A 92 -15.82 0.16 2.71
CA LEU A 92 -15.57 -0.95 1.78
C LEU A 92 -16.84 -1.64 1.31
N ASP A 93 -17.85 -1.66 2.16
CA ASP A 93 -19.15 -2.14 1.77
C ASP A 93 -19.75 -1.25 0.64
N ALA A 94 -19.64 0.05 0.83
CA ALA A 94 -20.06 0.97 -0.17
C ALA A 94 -19.42 0.59 -1.51
N LEU A 95 -18.10 0.48 -1.50
CA LEU A 95 -17.37 0.12 -2.73
C LEU A 95 -17.76 -1.26 -3.18
N ALA A 96 -18.06 -2.10 -2.20
CA ALA A 96 -18.35 -3.53 -2.48
C ALA A 96 -19.55 -3.73 -3.43
N VAL A 97 -20.39 -2.70 -3.59
CA VAL A 97 -21.56 -2.80 -4.45
C VAL A 97 -21.00 -3.33 -5.79
N GLN A 98 -19.81 -2.84 -6.17
CA GLN A 98 -19.03 -3.41 -7.28
C GLN A 98 -17.52 -3.54 -6.99
N ARG A 99 -17.17 -4.57 -6.24
CA ARG A 99 -15.80 -4.86 -5.92
C ARG A 99 -14.89 -4.99 -7.16
N LYS A 100 -15.24 -5.88 -8.11
CA LYS A 100 -14.42 -6.07 -9.34
C LYS A 100 -14.23 -4.76 -10.17
N VAL A 101 -15.23 -3.91 -10.23
CA VAL A 101 -15.06 -2.64 -10.95
C VAL A 101 -14.07 -1.76 -10.19
N THR A 102 -14.35 -1.58 -8.91
CA THR A 102 -13.46 -0.83 -8.05
C THR A 102 -12.03 -1.31 -8.21
N ARG A 103 -11.83 -2.61 -8.14
CA ARG A 103 -10.49 -3.14 -8.32
C ARG A 103 -9.93 -2.64 -9.62
N GLN A 104 -10.69 -2.80 -10.69
CA GLN A 104 -10.23 -2.42 -12.02
C GLN A 104 -9.88 -0.94 -12.07
N ILE A 106 -8.67 0.88 -9.77
CA ILE A 106 -7.43 1.10 -9.06
C ILE A 106 -6.27 0.52 -9.85
N SER A 108 -6.10 0.31 -12.70
CA SER A 108 -6.10 1.16 -13.85
C SER A 108 -5.04 2.23 -13.76
N LYS A 109 -5.03 2.96 -12.66
CA LYS A 109 -4.06 4.00 -12.50
C LYS A 109 -2.82 3.37 -11.96
N LEU A 110 -2.12 2.60 -12.77
CA LEU A 110 -0.94 1.93 -12.26
C LEU A 110 0.28 2.04 -13.18
N GLU A 111 1.47 1.90 -12.61
CA GLU A 111 2.67 2.06 -13.39
C GLU A 111 2.56 3.44 -13.94
N HIS A 114 -0.12 6.70 -15.51
CA HIS A 114 -1.09 7.65 -14.95
C HIS A 114 -0.51 8.39 -13.76
N ILE A 115 0.55 9.15 -14.01
CA ILE A 115 1.20 9.92 -12.95
C ILE A 115 0.28 10.96 -12.35
N HIS A 116 -0.50 11.62 -13.20
CA HIS A 116 -1.44 12.64 -12.74
C HIS A 116 -2.50 12.04 -11.83
N ILE A 117 -3.00 10.86 -12.20
CA ILE A 117 -4.00 10.17 -11.41
C ILE A 117 -3.47 9.78 -10.03
N GLN A 118 -2.22 9.33 -10.00
CA GLN A 118 -1.59 8.89 -8.76
C GLN A 118 -1.44 10.01 -7.74
N ILE A 119 -1.07 11.21 -8.21
CA ILE A 119 -0.86 12.34 -7.31
C ILE A 119 -2.14 12.74 -6.56
N PRO A 120 -3.26 12.74 -7.27
CA PRO A 120 -4.54 13.11 -6.66
C PRO A 120 -4.94 12.13 -5.56
N ALA A 121 -4.69 10.84 -5.79
CA ALA A 121 -5.03 9.81 -4.82
C ALA A 121 -4.31 9.89 -3.48
N VAL A 122 -2.99 10.04 -3.51
CA VAL A 122 -2.21 10.12 -2.30
C VAL A 122 -2.95 11.09 -1.37
N ARG A 124 -6.05 11.98 -1.31
CA ARG A 124 -7.34 11.45 -0.87
C ARG A 124 -7.13 10.53 0.30
N VAL A 125 -6.16 9.65 0.14
CA VAL A 125 -5.80 8.75 1.23
C VAL A 125 -5.56 9.51 2.54
N SER A 126 -4.72 10.54 2.51
CA SER A 126 -4.38 11.26 3.72
C SER A 126 -5.60 11.84 4.37
N ARG A 127 -6.41 12.59 3.62
CA ARG A 127 -7.59 13.20 4.23
C ARG A 127 -8.44 12.11 4.84
N THR A 128 -8.58 11.02 4.09
CA THR A 128 -9.46 9.93 4.53
C THR A 128 -8.98 9.35 5.84
N VAL A 129 -7.70 9.02 5.86
CA VAL A 129 -7.09 8.51 7.05
C VAL A 129 -7.20 9.49 8.18
N GLN A 130 -7.02 10.77 7.91
CA GLN A 130 -6.98 11.73 9.02
C GLN A 130 -8.37 12.03 9.49
N TRP A 131 -9.30 11.88 8.56
CA TRP A 131 -10.71 12.08 8.78
C TRP A 131 -11.24 10.95 9.64
N VAL A 132 -10.85 9.73 9.34
CA VAL A 132 -11.39 8.62 10.12
C VAL A 132 -10.89 8.74 11.58
N ARG A 133 -9.62 9.11 11.69
CA ARG A 133 -8.91 9.18 12.97
C ARG A 133 -9.63 10.20 13.87
N GLU A 134 -9.86 11.38 13.30
CA GLU A 134 -10.56 12.43 14.01
C GLU A 134 -12.01 12.02 14.27
N ALA A 135 -12.60 11.31 13.31
CA ALA A 135 -14.02 10.93 13.36
C ALA A 135 -14.31 10.03 14.54
N ALA A 136 -13.28 9.33 15.02
CA ALA A 136 -13.34 8.51 16.18
C ALA A 136 -13.30 9.20 17.58
N GLN A 137 -13.35 10.54 17.70
CA GLN A 137 -13.55 11.23 19.01
C GLN A 137 -14.84 12.12 19.25
N ARG A 138 -15.15 12.42 20.52
CA ARG A 138 -16.23 13.40 20.90
C ARG A 138 -16.16 13.89 22.35
N ALA A 146 -4.76 6.98 20.74
CA ALA A 146 -4.95 6.87 19.30
C ALA A 146 -4.02 5.80 18.70
N LEU A 147 -3.57 6.08 17.48
CA LEU A 147 -2.79 5.15 16.68
C LEU A 147 -1.86 6.03 15.91
N GLU A 148 -0.66 5.57 15.64
CA GLU A 148 0.22 6.41 14.88
C GLU A 148 -0.37 6.47 13.43
N GLU A 149 -0.29 7.70 12.86
CA GLU A 149 -0.77 7.98 11.55
C GLU A 149 -0.30 6.96 10.53
N SER A 150 1.00 6.62 10.54
CA SER A 150 1.51 5.60 9.58
C SER A 150 0.96 4.20 9.82
N THR A 151 0.72 3.85 11.06
CA THR A 151 0.29 2.51 11.34
C THR A 151 -1.07 2.40 10.72
N LEU A 152 -1.94 3.28 11.19
CA LEU A 152 -3.29 3.31 10.64
C LEU A 152 -3.29 3.47 9.11
N THR A 153 -2.37 4.21 8.55
CA THR A 153 -2.36 4.31 7.10
C THR A 153 -1.99 2.98 6.53
N THR A 154 -0.93 2.39 7.08
CA THR A 154 -0.42 1.17 6.52
C THR A 154 -1.49 0.13 6.63
N ILE A 155 -2.29 0.22 7.67
CA ILE A 155 -3.37 -0.75 7.84
C ILE A 155 -4.48 -0.51 6.85
N TYR A 156 -4.82 0.74 6.67
CA TYR A 156 -5.95 1.06 5.79
C TYR A 156 -5.61 0.70 4.35
N LEU A 157 -4.42 1.04 3.94
CA LEU A 157 -3.93 0.54 2.68
C LEU A 157 -3.99 -0.98 2.55
N THR A 159 -5.47 -3.44 4.22
CA THR A 159 -6.79 -4.02 4.26
C THR A 159 -7.46 -3.83 2.93
N PHE A 160 -7.31 -2.62 2.37
CA PHE A 160 -7.94 -2.25 1.11
C PHE A 160 -7.54 -3.18 -0.01
N PHE A 161 -6.24 -3.31 -0.19
CA PHE A 161 -5.72 -4.19 -1.22
C PHE A 161 -6.08 -5.65 -0.99
N PHE A 162 -6.06 -6.08 0.28
CA PHE A 162 -6.51 -7.43 0.66
C PHE A 162 -8.01 -7.63 0.35
N TRP A 163 -8.82 -6.64 0.66
CA TRP A 163 -10.28 -6.68 0.44
C TRP A 163 -10.66 -6.86 -1.02
N ARG A 165 -9.41 -8.66 -3.37
CA ARG A 165 -9.46 -10.04 -3.84
C ARG A 165 -9.96 -10.98 -2.73
N ASP A 166 -10.74 -10.45 -1.77
CA ASP A 166 -11.41 -11.30 -0.79
C ASP A 166 -12.74 -11.74 -1.35
N GLU A 167 -12.79 -12.96 -1.84
CA GLU A 167 -14.02 -13.55 -2.40
C GLU A 167 -15.00 -14.13 -1.38
N SER A 168 -14.68 -14.04 -0.09
CA SER A 168 -15.59 -14.54 0.95
C SER A 168 -16.85 -13.70 1.08
N GLU A 169 -17.87 -14.27 1.71
CA GLU A 169 -19.19 -13.63 1.77
C GLU A 169 -19.19 -12.52 2.79
N ASN A 170 -19.69 -11.34 2.38
CA ASN A 170 -19.74 -10.16 3.25
C ASN A 170 -18.32 -9.63 3.59
N SER A 171 -17.34 -10.15 2.83
CA SER A 171 -15.92 -9.88 3.07
C SER A 171 -15.58 -10.26 4.52
N ARG A 172 -16.14 -11.37 4.99
CA ARG A 172 -15.81 -11.91 6.30
C ARG A 172 -14.30 -11.79 6.54
N HIS A 173 -13.52 -12.22 5.56
CA HIS A 173 -12.09 -12.39 5.77
C HIS A 173 -11.48 -11.01 6.05
N THR A 174 -11.82 -10.01 5.24
CA THR A 174 -11.39 -8.63 5.44
C THR A 174 -11.79 -8.08 6.81
N ARG A 175 -13.02 -8.27 7.22
CA ARG A 175 -13.51 -7.76 8.50
C ARG A 175 -12.64 -8.25 9.61
N GLN A 176 -12.41 -9.55 9.64
CA GLN A 176 -11.52 -10.15 10.65
C GLN A 176 -10.10 -9.63 10.53
N PHE A 177 -9.58 -9.56 9.31
CA PHE A 177 -8.22 -9.06 9.05
C PHE A 177 -8.03 -7.67 9.63
N LEU A 178 -8.97 -6.79 9.36
CA LEU A 178 -8.93 -5.42 9.85
C LEU A 178 -9.02 -5.34 11.35
N LYS A 179 -9.93 -6.14 11.88
CA LYS A 179 -10.14 -6.19 13.32
C LYS A 179 -8.85 -6.58 14.04
N ARG A 180 -8.17 -7.56 13.51
CA ARG A 180 -6.99 -8.00 14.18
C ARG A 180 -5.89 -6.99 14.15
N HIS A 181 -5.58 -6.47 12.98
CA HIS A 181 -4.47 -5.53 12.91
C HIS A 181 -4.74 -4.29 13.73
N LEU A 182 -6.00 -3.86 13.77
CA LEU A 182 -6.34 -2.67 14.53
C LEU A 182 -6.20 -2.93 15.97
N THR A 183 -6.62 -4.12 16.39
CA THR A 183 -6.47 -4.55 17.77
C THR A 183 -5.04 -4.79 18.21
N ALA A 185 -2.28 -3.74 16.94
CA ALA A 185 -1.65 -2.40 16.89
C ALA A 185 -1.98 -1.47 18.08
N ALA A 186 -3.26 -1.41 18.46
CA ALA A 186 -3.71 -0.70 19.65
C ALA A 186 -2.92 -1.21 20.87
N TRP A 187 -3.06 -2.48 21.21
CA TRP A 187 -2.38 -3.01 22.38
C TRP A 187 -0.92 -2.58 22.42
N LEU A 188 -0.24 -2.55 21.28
CA LEU A 188 1.15 -2.05 21.22
C LEU A 188 1.20 -0.54 20.89
CA ASP B 6 28.74 -11.32 11.34
C ASP B 6 28.77 -12.04 9.98
N PRO B 7 29.98 -12.38 9.46
CA PRO B 7 30.19 -12.88 8.08
C PRO B 7 29.47 -14.18 7.76
N ARG B 9 26.41 -15.12 9.28
CA ARG B 9 25.00 -14.80 9.15
C ARG B 9 24.72 -14.28 7.72
N ASP B 10 25.58 -13.37 7.26
CA ASP B 10 25.47 -12.72 5.93
C ASP B 10 25.64 -13.71 4.79
N ALA B 11 26.60 -14.60 4.92
CA ALA B 11 26.80 -15.67 3.94
C ALA B 11 25.57 -16.56 3.81
N ILE B 12 24.85 -16.75 4.91
CA ILE B 12 23.55 -17.47 4.85
C ILE B 12 22.56 -16.69 3.96
N VAL B 13 22.38 -15.41 4.28
CA VAL B 13 21.41 -14.60 3.58
C VAL B 13 21.78 -14.57 2.12
N ASP B 14 23.03 -14.27 1.82
CA ASP B 14 23.49 -14.27 0.44
C ASP B 14 23.10 -15.57 -0.24
N THR B 15 23.38 -16.66 0.45
CA THR B 15 23.16 -17.97 -0.13
C THR B 15 21.69 -18.24 -0.38
N ALA B 16 20.91 -17.95 0.65
CA ALA B 16 19.48 -18.06 0.60
C ALA B 16 18.97 -17.38 -0.62
N VAL B 17 19.46 -16.18 -0.82
CA VAL B 17 18.95 -15.25 -1.83
C VAL B 17 19.38 -15.64 -3.25
N GLU B 18 20.65 -16.03 -3.45
CA GLU B 18 21.09 -16.62 -4.70
C GLU B 18 20.24 -17.82 -5.05
N LEU B 19 20.05 -18.74 -4.12
CA LEU B 19 19.24 -19.94 -4.36
C LEU B 19 17.87 -19.56 -4.92
N ALA B 20 17.25 -18.56 -4.30
CA ALA B 20 15.87 -18.20 -4.61
C ALA B 20 15.82 -17.68 -6.03
N ALA B 21 16.87 -16.94 -6.39
CA ALA B 21 17.03 -16.43 -7.71
C ALA B 21 16.89 -17.58 -8.71
N HIS B 22 17.77 -18.58 -8.65
CA HIS B 22 17.81 -19.63 -9.71
C HIS B 22 16.50 -20.38 -9.78
N THR B 23 15.84 -20.53 -8.64
CA THR B 23 14.62 -21.31 -8.55
C THR B 23 13.42 -20.45 -8.21
N SER B 24 13.09 -20.25 -6.94
CA SER B 24 12.14 -19.21 -6.52
C SER B 24 12.39 -19.16 -5.00
N TRP B 25 11.72 -18.21 -4.36
CA TRP B 25 11.75 -18.12 -2.90
C TRP B 25 11.04 -19.31 -2.23
N GLU B 26 9.77 -19.53 -2.56
CA GLU B 26 8.97 -20.68 -2.06
C GLU B 26 9.77 -21.98 -2.04
N ALA B 27 10.55 -22.21 -3.09
CA ALA B 27 11.39 -23.39 -3.24
C ALA B 27 12.60 -23.45 -2.33
N VAL B 28 12.84 -22.43 -1.53
CA VAL B 28 14.07 -22.43 -0.74
C VAL B 28 13.87 -23.06 0.62
N ARG B 29 14.68 -24.08 0.92
CA ARG B 29 14.71 -24.68 2.24
C ARG B 29 16.06 -24.45 2.89
N LEU B 30 16.08 -24.49 4.21
CA LEU B 30 17.34 -24.35 4.92
C LEU B 30 18.22 -25.58 4.61
N TYR B 31 17.62 -26.71 4.25
CA TYR B 31 18.41 -27.84 3.93
C TYR B 31 19.34 -27.50 2.80
N ASP B 32 18.81 -26.81 1.82
CA ASP B 32 19.59 -26.41 0.64
C ASP B 32 20.64 -25.33 0.86
N ILE B 33 20.34 -24.42 1.78
CA ILE B 33 21.31 -23.39 2.13
C ILE B 33 22.53 -24.05 2.74
N ALA B 34 22.25 -24.97 3.67
CA ALA B 34 23.26 -25.83 4.28
C ALA B 34 24.06 -26.56 3.21
N ALA B 35 23.33 -27.09 2.25
CA ALA B 35 23.95 -27.86 1.20
C ALA B 35 24.83 -26.98 0.33
N ARG B 36 24.32 -25.83 -0.04
CA ARG B 36 25.14 -24.97 -0.85
C ARG B 36 26.39 -24.54 -0.10
N LEU B 37 26.24 -24.17 1.16
CA LEU B 37 27.38 -23.68 1.88
C LEU B 37 28.35 -24.76 2.33
N ALA B 38 27.97 -26.03 2.12
CA ALA B 38 28.76 -27.17 2.55
C ALA B 38 28.86 -27.27 4.09
N VAL B 39 27.77 -26.95 4.78
CA VAL B 39 27.70 -27.03 6.23
C VAL B 39 26.44 -27.80 6.64
N SER B 40 26.34 -28.13 7.92
CA SER B 40 25.22 -28.87 8.45
C SER B 40 24.00 -27.99 8.69
N LEU B 41 22.83 -28.58 8.54
CA LEU B 41 21.61 -27.91 8.91
C LEU B 41 21.57 -27.43 10.35
N ASP B 42 22.27 -28.11 11.25
CA ASP B 42 22.36 -27.71 12.65
C ASP B 42 23.10 -26.41 12.78
N GLU B 43 24.08 -26.20 11.91
CA GLU B 43 24.83 -24.95 11.90
C GLU B 43 23.91 -23.80 11.49
N ILE B 44 23.22 -23.96 10.39
CA ILE B 44 22.35 -22.92 9.88
C ILE B 44 21.32 -22.53 10.90
N ARG B 45 20.81 -23.48 11.65
CA ARG B 45 19.70 -23.18 12.52
C ARG B 45 20.16 -22.47 13.76
N LEU B 46 21.46 -22.32 13.93
CA LEU B 46 21.98 -21.51 15.01
C LEU B 46 21.60 -20.06 14.78
N TYR B 47 21.70 -19.67 13.53
CA TYR B 47 21.41 -18.32 13.08
C TYR B 47 19.96 -18.15 12.76
N PHE B 48 19.44 -19.04 11.93
CA PHE B 48 18.03 -18.97 11.46
C PHE B 48 17.24 -20.27 11.70
N ARG B 49 16.22 -20.17 12.54
CA ARG B 49 15.37 -21.30 12.82
C ARG B 49 14.19 -21.43 11.87
N GLU B 50 13.90 -20.37 11.12
CA GLU B 50 12.74 -20.26 10.21
C GLU B 50 13.09 -19.47 8.95
N LYS B 51 12.31 -19.70 7.90
CA LYS B 51 12.50 -19.05 6.64
C LYS B 51 12.17 -17.58 6.80
N ASP B 52 11.13 -17.25 7.58
CA ASP B 52 10.80 -15.82 7.83
C ASP B 52 11.98 -15.06 8.33
N GLU B 53 12.66 -15.62 9.31
CA GLU B 53 13.75 -14.94 9.97
C GLU B 53 14.73 -14.43 8.94
N LEU B 54 14.90 -15.15 7.85
CA LEU B 54 15.72 -14.63 6.73
C LEU B 54 15.21 -13.31 6.03
N ILE B 55 13.90 -13.20 5.85
CA ILE B 55 13.28 -12.02 5.28
C ILE B 55 13.66 -10.86 6.17
N ASP B 56 13.46 -11.03 7.46
CA ASP B 56 13.87 -10.00 8.39
C ASP B 56 15.28 -9.55 8.05
N ALA B 57 16.22 -10.48 8.05
CA ALA B 57 17.61 -10.15 7.77
C ALA B 57 17.78 -9.37 6.45
N TRP B 58 17.01 -9.71 5.45
CA TRP B 58 17.15 -9.04 4.16
C TRP B 58 16.79 -7.59 4.30
N PHE B 59 15.65 -7.36 4.90
CA PHE B 59 15.21 -6.02 5.08
C PHE B 59 16.07 -5.26 6.10
N ASP B 60 16.69 -5.95 7.03
CA ASP B 60 17.61 -5.27 7.94
C ASP B 60 18.90 -4.92 7.23
N ARG B 61 19.25 -5.68 6.22
CA ARG B 61 20.40 -5.30 5.47
C ARG B 61 20.18 -3.95 4.72
N ALA B 62 19.01 -3.77 4.10
CA ALA B 62 18.61 -2.50 3.47
C ALA B 62 18.64 -1.38 4.49
N ASP B 63 17.94 -1.59 5.62
CA ASP B 63 17.88 -0.59 6.72
C ASP B 63 19.24 -0.08 7.18
N SER B 64 20.27 -0.88 6.97
CA SER B 64 21.59 -0.50 7.45
C SER B 64 22.35 0.26 6.36
N ARG B 65 22.14 -0.09 5.10
CA ARG B 65 22.71 0.71 3.99
C ARG B 65 22.19 2.12 4.12
N LEU B 67 21.16 3.49 6.85
CA LEU B 67 21.77 4.09 8.06
C LEU B 67 23.15 4.61 7.75
N LYS B 68 23.98 3.84 7.05
CA LYS B 68 25.35 4.30 6.73
C LYS B 68 25.28 5.64 6.00
N GLU B 69 24.38 5.70 5.02
CA GLU B 69 24.15 6.88 4.26
C GLU B 69 23.74 7.99 5.18
N ALA B 70 22.78 7.73 6.06
CA ALA B 70 22.22 8.80 6.92
C ALA B 70 23.23 9.48 7.86
N GLU B 71 24.46 9.00 7.92
CA GLU B 71 25.47 9.61 8.73
C GLU B 71 26.71 10.00 7.95
N SER B 72 26.70 9.83 6.64
CA SER B 72 27.85 10.27 5.83
C SER B 72 27.86 11.80 5.75
N ALA B 73 29.06 12.39 5.74
CA ALA B 73 29.18 13.85 5.71
C ALA B 73 28.44 14.40 4.50
N GLY B 74 28.44 13.64 3.41
CA GLY B 74 27.80 14.08 2.16
C GLY B 74 26.32 14.24 2.36
N PHE B 75 25.76 13.41 3.23
CA PHE B 75 24.31 13.42 3.42
C PHE B 75 23.85 14.75 4.03
N LEU B 76 24.53 15.23 5.05
CA LEU B 76 24.03 16.43 5.68
C LEU B 76 24.02 17.59 4.69
N ASP B 77 24.77 17.45 3.60
CA ASP B 77 24.80 18.50 2.57
C ASP B 77 23.46 18.65 1.80
N LEU B 78 22.81 17.53 1.47
CA LEU B 78 21.54 17.55 0.71
C LEU B 78 20.40 18.36 1.37
N VAL B 79 19.35 18.61 0.59
CA VAL B 79 18.15 19.29 1.06
C VAL B 79 17.10 18.35 1.64
N ALA B 80 16.19 18.84 2.48
CA ALA B 80 15.15 17.99 3.14
C ALA B 80 14.45 17.05 2.15
N SER B 81 14.09 17.63 1.01
CA SER B 81 13.47 16.89 -0.09
C SER B 81 14.35 15.76 -0.67
N GLU B 82 15.51 16.17 -1.22
CA GLU B 82 16.52 15.24 -1.75
C GLU B 82 16.88 14.17 -0.71
N ARG B 83 16.83 14.51 0.58
CA ARG B 83 17.24 13.61 1.66
C ARG B 83 16.36 12.36 1.73
N ILE B 84 15.05 12.60 1.84
CA ILE B 84 14.09 11.51 1.83
C ILE B 84 14.19 10.69 0.57
N HIS B 85 14.27 11.33 -0.56
CA HIS B 85 14.41 10.60 -1.79
C HIS B 85 15.68 9.78 -1.84
N HIS B 86 16.75 10.29 -1.25
CA HIS B 86 18.04 9.60 -1.29
C HIS B 86 18.06 8.35 -0.41
N LEU B 87 17.45 8.44 0.77
CA LEU B 87 17.36 7.28 1.67
C LEU B 87 16.51 6.21 1.07
N ILE B 88 15.33 6.56 0.59
CA ILE B 88 14.46 5.52 0.08
C ILE B 88 15.17 4.84 -1.05
N ILE B 90 18.46 4.38 -1.57
CA ILE B 90 19.48 3.43 -1.08
C ILE B 90 18.81 2.10 -0.63
N TRP B 91 17.68 2.26 0.05
CA TRP B 91 16.92 1.15 0.54
C TRP B 91 16.56 0.25 -0.62
N LEU B 92 15.95 0.83 -1.64
CA LEU B 92 15.48 0.05 -2.77
C LEU B 92 16.63 -0.47 -3.61
N ASP B 93 17.69 0.29 -3.71
CA ASP B 93 18.88 -0.25 -4.35
C ASP B 93 19.44 -1.45 -3.57
N ALA B 94 19.51 -1.37 -2.24
CA ALA B 94 19.95 -2.52 -1.43
C ALA B 94 19.15 -3.79 -1.75
N LEU B 95 17.82 -3.66 -1.65
CA LEU B 95 16.91 -4.75 -1.96
C LEU B 95 17.08 -5.16 -3.41
N ALA B 96 17.41 -4.19 -4.27
CA ALA B 96 17.49 -4.40 -5.72
C ALA B 96 18.54 -5.42 -6.09
N VAL B 97 19.52 -5.63 -5.22
CA VAL B 97 20.50 -6.66 -5.47
C VAL B 97 19.72 -7.97 -5.97
N GLN B 98 18.55 -8.22 -5.39
CA GLN B 98 17.61 -9.20 -5.88
C GLN B 98 16.16 -8.72 -5.82
N ARG B 99 15.77 -7.97 -6.84
CA ARG B 99 14.41 -7.45 -6.93
C ARG B 99 13.36 -8.57 -7.03
N LYS B 100 13.53 -9.53 -7.94
CA LYS B 100 12.52 -10.59 -8.08
C LYS B 100 12.29 -11.36 -6.77
N VAL B 101 13.36 -11.71 -6.07
CA VAL B 101 13.27 -12.48 -4.80
C VAL B 101 12.52 -11.69 -3.76
N THR B 102 12.96 -10.45 -3.57
CA THR B 102 12.29 -9.50 -2.70
C THR B 102 10.80 -9.47 -2.99
N ARG B 103 10.45 -9.33 -4.26
CA ARG B 103 9.06 -9.29 -4.64
C ARG B 103 8.42 -10.53 -4.14
N GLN B 104 9.05 -11.66 -4.42
CA GLN B 104 8.52 -12.97 -4.00
C GLN B 104 8.28 -13.01 -2.51
N ILE B 106 7.56 -10.69 -0.51
CA ILE B 106 6.45 -9.84 -0.12
C ILE B 106 5.13 -10.45 -0.61
N SER B 108 4.60 -13.29 -0.89
CA SER B 108 4.56 -14.47 -0.05
C SER B 108 3.67 -14.33 1.16
N LYS B 109 3.79 -13.19 1.84
CA LYS B 109 2.96 -12.96 3.01
C LYS B 109 1.66 -12.37 2.51
N LEU B 110 0.77 -13.22 2.02
CA LEU B 110 -0.45 -12.73 1.39
C LEU B 110 -1.74 -13.37 1.89
N GLU B 111 -2.82 -12.62 1.73
CA GLU B 111 -4.09 -13.14 2.09
C GLU B 111 -3.78 -13.68 3.45
N HIS B 114 -1.34 -14.47 5.97
CA HIS B 114 -0.17 -14.50 6.83
C HIS B 114 -0.24 -13.42 7.90
N ILE B 115 -1.10 -13.63 8.90
CA ILE B 115 -1.26 -12.67 9.98
C ILE B 115 0.02 -12.53 10.79
N HIS B 116 0.70 -13.65 11.03
CA HIS B 116 1.93 -13.64 11.80
C HIS B 116 3.02 -12.82 11.12
N ILE B 117 3.10 -12.93 9.80
CA ILE B 117 4.10 -12.20 9.03
C ILE B 117 3.62 -10.78 8.74
N GLN B 118 2.30 -10.64 8.54
CA GLN B 118 1.70 -9.34 8.25
C GLN B 118 1.76 -8.34 9.40
N ILE B 119 1.35 -8.72 10.59
CA ILE B 119 1.34 -7.72 11.63
C ILE B 119 2.74 -7.14 11.88
N PRO B 120 3.76 -7.99 11.85
CA PRO B 120 5.11 -7.52 12.11
C PRO B 120 5.59 -6.53 11.08
N ALA B 121 5.20 -6.68 9.82
CA ALA B 121 5.55 -5.66 8.80
C ALA B 121 4.94 -4.27 8.99
N VAL B 122 3.66 -4.24 9.33
CA VAL B 122 3.05 -2.99 9.64
C VAL B 122 3.99 -2.16 10.55
N ARG B 124 7.25 -2.48 11.18
CA ARG B 124 8.49 -2.17 10.48
C ARG B 124 8.33 -0.96 9.58
N VAL B 125 7.24 -0.93 8.80
CA VAL B 125 6.91 0.23 8.00
C VAL B 125 6.83 1.49 8.85
N SER B 126 6.14 1.47 9.98
CA SER B 126 6.00 2.70 10.72
C SER B 126 7.34 3.20 11.22
N ARG B 127 8.14 2.31 11.78
CA ARG B 127 9.44 2.71 12.28
C ARG B 127 10.19 3.31 11.12
N THR B 128 10.15 2.63 9.99
CA THR B 128 10.98 3.02 8.85
C THR B 128 10.62 4.37 8.33
N VAL B 129 9.32 4.58 8.19
CA VAL B 129 8.78 5.86 7.75
C VAL B 129 9.12 6.96 8.76
N GLN B 130 9.03 6.66 10.03
CA GLN B 130 9.24 7.72 10.99
C GLN B 130 10.70 8.06 11.06
N TRP B 131 11.50 7.01 10.88
CA TRP B 131 12.94 7.09 10.95
C TRP B 131 13.42 7.92 9.79
N VAL B 132 12.85 7.73 8.61
CA VAL B 132 13.34 8.46 7.45
C VAL B 132 13.02 9.93 7.60
N ARG B 133 11.84 10.18 8.14
CA ARG B 133 11.34 11.53 8.37
C ARG B 133 12.23 12.23 9.37
N GLU B 134 12.57 11.58 10.50
CA GLU B 134 13.50 12.18 11.51
C GLU B 134 14.92 12.25 10.99
N ALA B 135 15.30 11.30 10.13
CA ALA B 135 16.65 11.27 9.55
C ALA B 135 16.92 12.39 8.56
N ALA B 136 15.88 13.13 8.20
CA ALA B 136 16.01 14.26 7.31
C ALA B 136 16.14 15.61 8.10
N GLN B 137 16.67 15.61 9.34
CA GLN B 137 17.02 16.85 10.07
C GLN B 137 18.41 16.93 10.79
N ARG B 138 18.85 18.14 11.07
CA ARG B 138 20.05 18.39 11.92
C ARG B 138 20.15 19.84 12.43
N LEU B 147 5.88 17.35 6.02
CA LEU B 147 5.20 16.36 5.20
C LEU B 147 4.40 15.47 6.11
N GLU B 148 3.11 15.31 5.86
CA GLU B 148 2.26 14.54 6.75
C GLU B 148 2.66 13.04 6.75
N GLU B 149 2.67 12.46 7.94
CA GLU B 149 3.05 11.07 8.08
C GLU B 149 2.35 10.16 7.05
N SER B 150 1.04 10.27 6.95
CA SER B 150 0.29 9.45 5.97
C SER B 150 0.72 9.63 4.55
N THR B 151 0.96 10.88 4.16
CA THR B 151 1.35 11.18 2.83
C THR B 151 2.60 10.46 2.49
N LEU B 152 3.60 10.70 3.30
CA LEU B 152 4.87 10.02 3.15
C LEU B 152 4.73 8.52 3.21
N THR B 153 3.85 8.03 4.05
CA THR B 153 3.67 6.58 4.15
C THR B 153 3.10 6.13 2.83
N THR B 154 2.06 6.82 2.41
CA THR B 154 1.36 6.43 1.22
C THR B 154 2.34 6.41 0.10
N ILE B 155 3.26 7.37 0.10
CA ILE B 155 4.20 7.45 -0.99
C ILE B 155 5.22 6.36 -0.90
N TYR B 156 5.69 6.12 0.29
CA TYR B 156 6.71 5.11 0.41
C TYR B 156 6.11 3.75 -0.01
N LEU B 157 4.95 3.45 0.51
CA LEU B 157 4.26 2.24 0.08
C LEU B 157 4.12 2.12 -1.42
N THR B 159 5.55 3.68 -3.90
CA THR B 159 6.81 3.62 -4.63
C THR B 159 7.32 2.22 -4.58
N PHE B 160 7.26 1.66 -3.40
CA PHE B 160 7.73 0.32 -3.20
C PHE B 160 7.09 -0.70 -4.13
N PHE B 161 5.78 -0.74 -4.08
CA PHE B 161 5.05 -1.62 -4.94
C PHE B 161 5.27 -1.35 -6.40
N PHE B 162 5.41 -0.08 -6.77
CA PHE B 162 5.74 0.27 -8.14
C PHE B 162 7.14 -0.24 -8.50
N TRP B 163 8.10 -0.02 -7.61
CA TRP B 163 9.51 -0.41 -7.83
C TRP B 163 9.72 -1.87 -8.13
N ARG B 165 8.04 -4.03 -9.86
CA ARG B 165 7.89 -4.41 -11.27
C ARG B 165 8.59 -3.48 -12.25
N ASP B 166 9.31 -2.51 -11.74
CA ASP B 166 9.97 -1.56 -12.62
C ASP B 166 11.22 -2.23 -13.20
N GLU B 167 11.07 -2.67 -14.44
CA GLU B 167 12.12 -3.39 -15.13
C GLU B 167 13.09 -2.44 -15.84
N SER B 168 12.92 -1.13 -15.67
CA SER B 168 13.88 -0.20 -16.23
C SER B 168 15.24 -0.31 -15.53
N GLU B 169 16.26 0.19 -16.23
CA GLU B 169 17.62 0.17 -15.71
C GLU B 169 17.74 1.09 -14.51
N ASN B 170 18.47 0.63 -13.52
CA ASN B 170 18.75 1.42 -12.32
C ASN B 170 17.46 1.88 -11.61
N SER B 171 16.35 1.24 -11.99
CA SER B 171 15.01 1.66 -11.58
C SER B 171 14.75 3.17 -11.94
N ARG B 172 15.27 3.64 -13.08
CA ARG B 172 15.06 5.02 -13.49
C ARG B 172 13.62 5.38 -13.21
N HIS B 173 12.68 4.52 -13.61
CA HIS B 173 11.28 4.87 -13.55
C HIS B 173 10.88 5.14 -12.09
N THR B 174 11.28 4.28 -11.18
CA THR B 174 11.01 4.48 -9.74
C THR B 174 11.61 5.76 -9.13
N ARG B 175 12.84 6.05 -9.54
CA ARG B 175 13.54 7.23 -9.04
C ARG B 175 12.83 8.52 -9.45
N GLN B 176 12.35 8.58 -10.70
CA GLN B 176 11.53 9.70 -11.14
C GLN B 176 10.18 9.70 -10.43
N PHE B 177 9.53 8.55 -10.36
CA PHE B 177 8.21 8.47 -9.75
C PHE B 177 8.24 9.04 -8.35
N LEU B 178 9.22 8.58 -7.55
CA LEU B 178 9.40 9.02 -6.18
C LEU B 178 9.68 10.53 -6.12
N LYS B 179 10.61 10.97 -6.96
CA LYS B 179 10.96 12.35 -6.99
C LYS B 179 9.70 13.20 -7.17
N ARG B 180 8.84 12.81 -8.12
CA ARG B 180 7.70 13.62 -8.43
C ARG B 180 6.68 13.72 -7.32
N HIS B 181 6.33 12.58 -6.73
CA HIS B 181 5.31 12.57 -5.69
C HIS B 181 5.78 13.33 -4.50
N LEU B 182 7.05 13.15 -4.15
CA LEU B 182 7.64 13.82 -3.00
C LEU B 182 7.62 15.33 -3.22
N THR B 183 8.00 15.76 -4.43
CA THR B 183 7.97 17.19 -4.79
C THR B 183 6.55 17.75 -4.85
N ALA B 185 3.85 16.71 -3.56
CA ALA B 185 3.35 16.75 -2.21
C ALA B 185 3.88 17.94 -1.39
N ALA B 186 5.22 18.12 -1.39
CA ALA B 186 5.92 19.18 -0.66
C ALA B 186 5.27 20.52 -0.94
N TRP B 187 5.18 20.84 -2.23
CA TRP B 187 4.66 22.12 -2.64
C TRP B 187 3.29 22.29 -1.96
N LEU B 188 2.47 21.25 -1.92
CA LEU B 188 1.15 21.34 -1.27
C LEU B 188 1.25 20.98 0.23
#